data_9G91
#
_entry.id   9G91
#
_cell.length_a   78.056
_cell.length_b   41.663
_cell.length_c   72.179
_cell.angle_alpha   90.00
_cell.angle_beta   102.84
_cell.angle_gamma   90.00
#
_symmetry.space_group_name_H-M   'C 1 2 1'
#
loop_
_entity.id
_entity.type
_entity.pdbx_description
1 polymer 'Hepatoma-derived growth factor-related protein 2'
2 non-polymer 1,2-ETHANEDIOL
3 non-polymer [3-[(5-bromanylpyridin-3-yl)methylamino]phenyl]methanol
4 non-polymer 'SULFATE ION'
5 water water
#
_entity_poly.entity_id   1
_entity_poly.type   'polypeptide(L)'
_entity_poly.pdbx_seq_one_letter_code
;GMPHAFKPGDLVFAKMKGYPHWPARIDDIADGAVKPPPNKYPIFFFGTHETAFLGPKDLFPYDKSKDKYGKPNKRKGFNE
GLWEIQNNPHASYS
;
_entity_poly.pdbx_strand_id   A,B
#
# COMPACT_ATOMS: atom_id res chain seq x y z
N MET A 2 -26.27 16.36 -1.46
CA MET A 2 -27.12 15.22 -1.15
C MET A 2 -26.60 13.95 -1.82
N PRO A 3 -26.56 12.85 -1.07
CA PRO A 3 -26.06 11.60 -1.63
C PRO A 3 -27.05 11.01 -2.62
N HIS A 4 -26.54 10.10 -3.45
CA HIS A 4 -27.34 9.37 -4.41
C HIS A 4 -27.03 7.90 -4.25
N ALA A 5 -27.82 7.06 -4.93
CA ALA A 5 -27.46 5.65 -5.03
C ALA A 5 -26.09 5.51 -5.67
N PHE A 6 -25.38 4.44 -5.33
CA PHE A 6 -24.05 4.25 -5.87
C PHE A 6 -24.11 4.05 -7.37
N LYS A 7 -23.12 4.58 -8.05
CA LYS A 7 -23.00 4.49 -9.50
C LYS A 7 -21.56 4.16 -9.85
N PRO A 8 -21.33 3.58 -11.03
CA PRO A 8 -19.95 3.28 -11.45
C PRO A 8 -19.04 4.49 -11.33
N GLY A 9 -17.86 4.28 -10.77
CA GLY A 9 -16.91 5.33 -10.52
C GLY A 9 -16.87 5.84 -9.09
N ASP A 10 -17.94 5.64 -8.33
CA ASP A 10 -17.96 6.09 -6.94
C ASP A 10 -16.86 5.39 -6.14
N LEU A 11 -16.21 6.15 -5.26
CA LEU A 11 -15.10 5.66 -4.47
C LEU A 11 -15.55 5.42 -3.03
N VAL A 12 -15.14 4.29 -2.47
CA VAL A 12 -15.60 3.86 -1.15
C VAL A 12 -14.46 3.17 -0.41
N PHE A 13 -14.69 2.96 0.88
CA PHE A 13 -14.08 1.85 1.60
C PHE A 13 -15.15 0.76 1.72
N ALA A 14 -14.78 -0.47 1.39
CA ALA A 14 -15.70 -1.60 1.40
C ALA A 14 -15.28 -2.59 2.48
N LYS A 15 -16.25 -3.07 3.27
CA LYS A 15 -16.00 -3.94 4.40
C LYS A 15 -16.42 -5.36 4.08
N MET A 16 -15.51 -6.31 4.28
CA MET A 16 -15.82 -7.73 4.24
C MET A 16 -15.27 -8.37 5.51
N LYS A 17 -15.93 -9.43 5.96
CA LYS A 17 -15.55 -10.07 7.21
C LYS A 17 -14.12 -10.59 7.14
N GLY A 18 -13.33 -10.27 8.16
CA GLY A 18 -11.96 -10.71 8.23
C GLY A 18 -10.94 -9.79 7.56
N TYR A 19 -11.38 -8.66 7.03
CA TYR A 19 -10.50 -7.70 6.37
C TYR A 19 -10.78 -6.30 6.87
N PRO A 20 -9.77 -5.44 6.90
CA PRO A 20 -10.03 -4.03 7.22
C PRO A 20 -10.88 -3.40 6.12
N HIS A 21 -11.58 -2.32 6.49
CA HIS A 21 -12.27 -1.50 5.49
C HIS A 21 -11.30 -1.14 4.37
N TRP A 22 -11.66 -1.51 3.13
CA TRP A 22 -10.69 -1.61 2.05
C TRP A 22 -11.00 -0.60 0.95
N PRO A 23 -9.99 0.12 0.45
CA PRO A 23 -10.23 1.09 -0.63
C PRO A 23 -10.73 0.41 -1.89
N ALA A 24 -11.79 0.95 -2.48
CA ALA A 24 -12.47 0.27 -3.57
C ALA A 24 -13.28 1.27 -4.39
N ARG A 25 -13.77 0.79 -5.53
CA ARG A 25 -14.66 1.61 -6.35
C ARG A 25 -15.83 0.76 -6.83
N ILE A 26 -16.95 1.44 -7.11
CA ILE A 26 -18.07 0.81 -7.79
C ILE A 26 -17.72 0.62 -9.27
N ASP A 27 -17.80 -0.61 -9.75
CA ASP A 27 -17.48 -0.91 -11.14
C ASP A 27 -18.74 -0.99 -11.99
N ASP A 28 -18.53 -1.02 -13.30
CA ASP A 28 -19.59 -1.32 -14.25
C ASP A 28 -19.78 -2.83 -14.37
N ILE A 29 -20.94 -3.22 -14.88
CA ILE A 29 -21.18 -4.60 -15.30
C ILE A 29 -21.02 -4.66 -16.81
N ALA A 30 -20.09 -5.47 -17.28
CA ALA A 30 -19.90 -5.64 -18.71
C ALA A 30 -21.12 -6.31 -19.34
N ASP A 31 -21.26 -6.13 -20.66
CA ASP A 31 -22.35 -6.76 -21.38
C ASP A 31 -22.26 -8.28 -21.23
N GLY A 32 -23.37 -8.89 -20.81
CA GLY A 32 -23.44 -10.33 -20.71
C GLY A 32 -22.70 -10.94 -19.54
N ALA A 33 -22.06 -10.14 -18.69
CA ALA A 33 -21.40 -10.66 -17.50
C ALA A 33 -22.45 -10.89 -16.40
N VAL A 34 -22.02 -11.61 -15.36
N VAL A 34 -22.05 -11.65 -15.38
CA VAL A 34 -22.92 -11.88 -14.23
CA VAL A 34 -22.97 -11.96 -14.30
C VAL A 34 -23.34 -10.57 -13.59
C VAL A 34 -23.31 -10.68 -13.53
N LYS A 35 -24.61 -10.47 -13.28
CA LYS A 35 -25.09 -9.30 -12.58
C LYS A 35 -25.16 -9.56 -11.08
N PRO A 36 -25.05 -8.53 -10.25
CA PRO A 36 -25.08 -8.74 -8.80
C PRO A 36 -26.45 -9.21 -8.34
N PRO A 37 -26.55 -9.81 -7.17
CA PRO A 37 -27.87 -10.05 -6.55
C PRO A 37 -28.61 -8.75 -6.31
N PRO A 38 -29.90 -8.80 -5.97
CA PRO A 38 -30.66 -7.58 -5.73
C PRO A 38 -29.98 -6.66 -4.72
N ASN A 39 -29.89 -5.38 -5.07
CA ASN A 39 -29.31 -4.33 -4.23
C ASN A 39 -27.86 -4.63 -3.84
N LYS A 40 -27.11 -5.26 -4.73
CA LYS A 40 -25.67 -5.38 -4.57
C LYS A 40 -24.95 -4.79 -5.77
N TYR A 41 -23.67 -4.53 -5.59
CA TYR A 41 -22.88 -3.79 -6.56
C TYR A 41 -21.56 -4.51 -6.81
N PRO A 42 -21.02 -4.40 -8.02
CA PRO A 42 -19.67 -4.92 -8.27
C PRO A 42 -18.66 -3.98 -7.63
N ILE A 43 -17.91 -4.50 -6.67
CA ILE A 43 -16.93 -3.73 -5.92
C ILE A 43 -15.54 -4.17 -6.35
N PHE A 44 -14.80 -3.25 -6.98
CA PHE A 44 -13.42 -3.51 -7.37
C PHE A 44 -12.49 -3.01 -6.27
N PHE A 45 -11.72 -3.92 -5.70
CA PHE A 45 -10.82 -3.59 -4.60
C PHE A 45 -9.48 -3.14 -5.17
N PHE A 46 -9.07 -1.91 -4.84
CA PHE A 46 -7.76 -1.44 -5.26
C PHE A 46 -6.66 -2.26 -4.56
N GLY A 47 -5.50 -2.31 -5.20
CA GLY A 47 -4.35 -3.02 -4.66
C GLY A 47 -4.36 -4.50 -5.02
N THR A 48 -5.38 -5.21 -4.57
CA THR A 48 -5.52 -6.62 -4.90
C THR A 48 -6.15 -6.82 -6.27
N HIS A 49 -6.95 -5.86 -6.73
CA HIS A 49 -7.58 -5.90 -8.05
C HIS A 49 -8.50 -7.10 -8.17
N GLU A 50 -9.28 -7.35 -7.13
CA GLU A 50 -10.32 -8.37 -7.13
C GLU A 50 -11.68 -7.71 -7.02
N THR A 51 -12.72 -8.45 -7.41
CA THR A 51 -14.08 -7.92 -7.43
C THR A 51 -15.00 -8.79 -6.60
N ALA A 52 -15.88 -8.16 -5.83
CA ALA A 52 -16.91 -8.87 -5.08
C ALA A 52 -18.24 -8.13 -5.24
N PHE A 53 -19.32 -8.86 -5.02
CA PHE A 53 -20.65 -8.26 -4.97
C PHE A 53 -20.97 -7.92 -3.51
N LEU A 54 -21.21 -6.64 -3.23
CA LEU A 54 -21.55 -6.20 -1.88
C LEU A 54 -22.72 -5.22 -1.91
N GLY A 55 -23.44 -5.18 -0.80
CA GLY A 55 -24.55 -4.25 -0.64
C GLY A 55 -24.13 -2.97 0.06
N PRO A 56 -24.98 -1.95 -0.03
CA PRO A 56 -24.61 -0.62 0.52
C PRO A 56 -24.26 -0.62 2.01
N LYS A 57 -24.81 -1.54 2.81
CA LYS A 57 -24.46 -1.55 4.23
C LYS A 57 -22.97 -1.73 4.46
N ASP A 58 -22.25 -2.27 3.48
CA ASP A 58 -20.81 -2.50 3.59
C ASP A 58 -19.97 -1.49 2.82
N LEU A 59 -20.57 -0.41 2.31
CA LEU A 59 -19.88 0.55 1.46
C LEU A 59 -19.87 1.92 2.12
N PHE A 60 -18.67 2.45 2.37
CA PHE A 60 -18.51 3.71 3.08
C PHE A 60 -17.91 4.76 2.14
N PRO A 61 -18.65 5.82 1.80
CA PRO A 61 -18.13 6.79 0.83
C PRO A 61 -16.77 7.34 1.24
N TYR A 62 -15.91 7.51 0.24
CA TYR A 62 -14.48 7.64 0.49
C TYR A 62 -14.15 8.94 1.23
N ASP A 63 -14.67 10.07 0.75
CA ASP A 63 -14.31 11.35 1.34
C ASP A 63 -14.70 11.43 2.82
N LYS A 64 -15.88 10.93 3.16
CA LYS A 64 -16.35 11.00 4.55
C LYS A 64 -15.55 10.07 5.46
N SER A 65 -15.03 8.96 4.93
CA SER A 65 -14.47 7.89 5.75
CA SER A 65 -14.47 7.91 5.77
C SER A 65 -12.95 7.78 5.69
N LYS A 66 -12.28 8.57 4.85
CA LYS A 66 -10.85 8.36 4.64
C LYS A 66 -10.01 8.65 5.88
N ASP A 67 -10.42 9.61 6.72
CA ASP A 67 -9.68 9.89 7.94
C ASP A 67 -9.67 8.68 8.87
N LYS A 68 -10.76 7.92 8.89
CA LYS A 68 -10.86 6.80 9.81
C LYS A 68 -10.22 5.53 9.25
N TYR A 69 -10.42 5.26 7.96
CA TYR A 69 -10.04 3.99 7.36
C TYR A 69 -8.79 4.05 6.49
N GLY A 70 -8.24 5.23 6.25
CA GLY A 70 -7.15 5.36 5.30
C GLY A 70 -5.75 5.11 5.84
N LYS A 71 -5.62 4.45 6.99
CA LYS A 71 -4.27 4.29 7.52
C LYS A 71 -3.58 3.09 6.89
N PRO A 72 -2.29 3.20 6.58
CA PRO A 72 -1.55 2.03 6.08
C PRO A 72 -1.59 0.88 7.07
N ASN A 73 -1.47 -0.35 6.54
CA ASN A 73 -1.39 -1.53 7.39
C ASN A 73 -0.63 -2.62 6.64
N LYS A 74 -0.49 -3.77 7.28
CA LYS A 74 0.38 -4.83 6.75
C LYS A 74 -0.32 -5.77 5.78
N ARG A 75 -1.63 -5.70 5.65
CA ARG A 75 -2.36 -6.64 4.80
C ARG A 75 -1.88 -6.52 3.35
N LYS A 76 -1.73 -7.67 2.69
CA LYS A 76 -1.19 -7.70 1.33
C LYS A 76 -2.07 -6.89 0.38
N GLY A 77 -1.45 -5.96 -0.33
CA GLY A 77 -2.15 -5.14 -1.29
C GLY A 77 -2.81 -3.89 -0.72
N PHE A 78 -2.89 -3.75 0.60
CA PHE A 78 -3.64 -2.63 1.16
C PHE A 78 -2.98 -1.29 0.84
N ASN A 79 -1.68 -1.15 1.11
CA ASN A 79 -1.03 0.12 0.89
C ASN A 79 -1.04 0.52 -0.58
N GLU A 80 -0.85 -0.45 -1.48
CA GLU A 80 -0.99 -0.15 -2.90
C GLU A 80 -2.41 0.28 -3.23
N GLY A 81 -3.40 -0.34 -2.57
CA GLY A 81 -4.78 0.11 -2.73
C GLY A 81 -4.99 1.54 -2.30
N LEU A 82 -4.42 1.91 -1.14
CA LEU A 82 -4.49 3.31 -0.71
C LEU A 82 -3.88 4.23 -1.76
N TRP A 83 -2.75 3.84 -2.34
CA TRP A 83 -2.12 4.67 -3.36
C TRP A 83 -3.02 4.80 -4.58
N GLU A 84 -3.64 3.69 -5.02
CA GLU A 84 -4.46 3.74 -6.22
C GLU A 84 -5.68 4.62 -6.03
N ILE A 85 -6.37 4.50 -4.89
CA ILE A 85 -7.58 5.30 -4.72
C ILE A 85 -7.24 6.77 -4.60
N GLN A 86 -6.06 7.10 -4.06
CA GLN A 86 -5.67 8.51 -3.92
C GLN A 86 -5.07 9.09 -5.20
N ASN A 87 -4.45 8.27 -6.04
CA ASN A 87 -3.66 8.80 -7.14
C ASN A 87 -4.23 8.53 -8.52
N ASN A 88 -4.88 7.39 -8.76
CA ASN A 88 -5.49 7.12 -10.06
C ASN A 88 -6.66 6.17 -9.87
N PRO A 89 -7.75 6.63 -9.25
CA PRO A 89 -8.84 5.71 -8.89
C PRO A 89 -9.68 5.24 -10.07
N HIS A 90 -9.61 5.90 -11.23
CA HIS A 90 -10.43 5.55 -12.38
C HIS A 90 -9.64 4.91 -13.50
N ALA A 91 -8.41 4.49 -13.23
CA ALA A 91 -7.58 3.88 -14.26
C ALA A 91 -7.95 2.42 -14.46
N SER A 92 -7.40 1.83 -15.53
CA SER A 92 -7.59 0.42 -15.82
C SER A 92 -6.51 -0.38 -15.09
N TYR A 93 -6.92 -1.32 -14.25
CA TYR A 93 -6.00 -2.14 -13.49
C TYR A 93 -6.00 -3.59 -13.92
N SER A 94 -6.84 -3.97 -14.88
CA SER A 94 -6.84 -5.31 -15.41
C SER A 94 -5.79 -5.46 -16.51
N HIS B 4 30.48 -3.60 10.78
CA HIS B 4 29.64 -3.21 9.66
C HIS B 4 29.01 -1.85 9.91
N ALA B 5 28.77 -1.09 8.83
CA ALA B 5 28.19 0.24 8.98
C ALA B 5 26.73 0.19 9.41
N PHE B 6 26.05 -0.94 9.22
CA PHE B 6 24.65 -1.07 9.56
C PHE B 6 24.41 -2.37 10.31
N LYS B 7 23.37 -2.36 11.14
CA LYS B 7 22.91 -3.51 11.90
C LYS B 7 21.41 -3.65 11.69
N PRO B 8 20.87 -4.86 11.87
CA PRO B 8 19.42 -5.03 11.73
C PRO B 8 18.68 -4.06 12.62
N GLY B 9 17.63 -3.45 12.08
CA GLY B 9 16.86 -2.44 12.78
C GLY B 9 17.22 -1.01 12.41
N ASP B 10 18.41 -0.78 11.86
CA ASP B 10 18.77 0.56 11.42
C ASP B 10 17.78 1.04 10.36
N LEU B 11 17.39 2.30 10.46
CA LEU B 11 16.51 2.92 9.48
C LEU B 11 17.36 3.67 8.45
N VAL B 12 16.97 3.58 7.18
CA VAL B 12 17.71 4.19 6.10
C VAL B 12 16.74 4.74 5.06
N PHE B 13 17.29 5.50 4.13
CA PHE B 13 16.69 5.68 2.82
C PHE B 13 17.53 4.87 1.84
N ALA B 14 16.88 3.99 1.10
CA ALA B 14 17.54 3.06 0.20
C ALA B 14 17.27 3.48 -1.23
N LYS B 15 18.33 3.56 -2.04
CA LYS B 15 18.25 4.06 -3.40
C LYS B 15 18.40 2.91 -4.39
N MET B 16 17.45 2.81 -5.32
CA MET B 16 17.56 1.89 -6.43
C MET B 16 17.29 2.64 -7.72
N LYS B 17 17.92 2.18 -8.80
CA LYS B 17 17.79 2.86 -10.09
C LYS B 17 16.34 2.92 -10.51
N GLY B 18 15.87 4.13 -10.83
CA GLY B 18 14.50 4.36 -11.24
C GLY B 18 13.54 4.70 -10.14
N TYR B 19 14.00 4.77 -8.89
CA TYR B 19 13.15 5.02 -7.74
C TYR B 19 13.75 6.12 -6.87
N PRO B 20 12.92 6.91 -6.20
CA PRO B 20 13.45 7.89 -5.25
C PRO B 20 14.04 7.18 -4.04
N HIS B 21 14.88 7.92 -3.31
CA HIS B 21 15.40 7.40 -2.04
C HIS B 21 14.23 7.00 -1.15
N TRP B 22 14.22 5.72 -0.75
CA TRP B 22 13.00 5.11 -0.24
C TRP B 22 13.11 4.78 1.24
N PRO B 23 12.12 5.12 2.05
CA PRO B 23 12.16 4.76 3.48
C PRO B 23 12.23 3.25 3.67
N ALA B 24 13.19 2.80 4.46
CA ALA B 24 13.49 1.37 4.52
C ALA B 24 14.19 1.07 5.84
N ARG B 25 14.41 -0.21 6.09
CA ARG B 25 15.14 -0.64 7.27
C ARG B 25 16.02 -1.83 6.94
N ILE B 26 17.10 -1.98 7.69
CA ILE B 26 17.96 -3.16 7.60
C ILE B 26 17.28 -4.30 8.33
N ASP B 27 17.04 -5.40 7.63
CA ASP B 27 16.50 -6.62 8.23
C ASP B 27 17.65 -7.57 8.58
N ASP B 28 17.31 -8.63 9.31
CA ASP B 28 18.31 -9.56 9.80
C ASP B 28 18.62 -10.61 8.74
N ILE B 29 19.90 -10.72 8.38
CA ILE B 29 20.35 -11.76 7.45
C ILE B 29 19.91 -13.13 7.95
N ALA B 30 20.04 -13.38 9.25
CA ALA B 30 19.66 -14.65 9.84
C ALA B 30 18.18 -14.95 9.70
N ASP B 31 17.37 -14.00 9.22
CA ASP B 31 15.94 -14.22 9.04
C ASP B 31 15.59 -14.77 7.67
N GLY B 32 16.39 -14.44 6.65
CA GLY B 32 16.07 -14.82 5.27
C GLY B 32 16.84 -16.06 4.84
N ALA B 33 16.14 -16.92 4.07
CA ALA B 33 16.77 -18.12 3.56
C ALA B 33 17.87 -17.79 2.55
N VAL B 34 17.52 -17.01 1.53
CA VAL B 34 18.54 -16.51 0.61
C VAL B 34 19.36 -15.44 1.31
N LYS B 35 20.67 -15.61 1.30
CA LYS B 35 21.59 -14.69 1.92
C LYS B 35 22.00 -13.60 0.93
N PRO B 36 22.31 -12.39 1.43
CA PRO B 36 22.75 -11.34 0.52
C PRO B 36 24.10 -11.67 -0.08
N PRO B 37 24.41 -11.16 -1.27
CA PRO B 37 25.77 -11.27 -1.79
C PRO B 37 26.75 -10.60 -0.82
N PRO B 38 28.05 -10.86 -0.95
CA PRO B 38 29.01 -10.28 -0.01
C PRO B 38 28.87 -8.77 0.07
N ASN B 39 28.94 -8.24 1.29
CA ASN B 39 28.92 -6.81 1.58
C ASN B 39 27.59 -6.15 1.20
N LYS B 40 26.50 -6.93 1.12
CA LYS B 40 25.18 -6.39 0.89
C LYS B 40 24.27 -6.71 2.06
N TYR B 41 23.16 -5.98 2.15
CA TYR B 41 22.24 -6.09 3.27
C TYR B 41 20.85 -6.45 2.78
N PRO B 42 20.05 -7.14 3.61
CA PRO B 42 18.62 -7.29 3.30
C PRO B 42 17.88 -6.01 3.68
N ILE B 43 17.19 -5.42 2.70
CA ILE B 43 16.54 -4.13 2.87
C ILE B 43 15.04 -4.33 2.74
N PHE B 44 14.30 -3.95 3.77
CA PHE B 44 12.85 -3.99 3.76
C PHE B 44 12.32 -2.59 3.48
N PHE B 45 11.52 -2.45 2.42
CA PHE B 45 10.99 -1.15 2.00
C PHE B 45 9.63 -0.92 2.65
N PHE B 46 9.50 0.20 3.36
CA PHE B 46 8.21 0.56 3.94
C PHE B 46 7.22 0.92 2.84
N GLY B 47 5.94 0.75 3.13
CA GLY B 47 4.90 1.01 2.16
C GLY B 47 4.64 -0.19 1.25
N THR B 48 5.61 -0.51 0.39
CA THR B 48 5.46 -1.64 -0.52
C THR B 48 5.72 -2.97 0.16
N HIS B 49 6.52 -2.98 1.23
CA HIS B 49 6.84 -4.19 1.99
C HIS B 49 7.62 -5.21 1.18
N GLU B 50 8.35 -4.75 0.17
CA GLU B 50 9.23 -5.64 -0.56
CA GLU B 50 9.25 -5.59 -0.59
C GLU B 50 10.63 -5.62 0.06
N THR B 51 11.43 -6.62 -0.31
CA THR B 51 12.78 -6.76 0.21
C THR B 51 13.76 -6.93 -0.95
N ALA B 52 14.92 -6.30 -0.83
CA ALA B 52 15.96 -6.42 -1.83
C ALA B 52 17.32 -6.46 -1.11
N PHE B 53 18.36 -6.75 -1.89
CA PHE B 53 19.73 -6.80 -1.38
C PHE B 53 20.47 -5.56 -1.90
N LEU B 54 20.98 -4.74 -0.99
CA LEU B 54 21.67 -3.51 -1.35
C LEU B 54 22.94 -3.36 -0.53
N GLY B 55 23.94 -2.73 -1.14
CA GLY B 55 25.19 -2.43 -0.47
C GLY B 55 25.24 -1.00 0.00
N PRO B 56 26.31 -0.66 0.75
CA PRO B 56 26.40 0.69 1.35
C PRO B 56 26.25 1.84 0.37
N LYS B 57 26.66 1.68 -0.89
CA LYS B 57 26.57 2.80 -1.83
C LYS B 57 25.13 3.27 -2.03
N ASP B 58 24.15 2.42 -1.72
CA ASP B 58 22.75 2.75 -1.92
C ASP B 58 22.00 3.03 -0.62
N LEU B 59 22.70 3.15 0.52
CA LEU B 59 22.05 3.23 1.82
C LEU B 59 22.43 4.52 2.52
N PHE B 60 21.43 5.35 2.81
CA PHE B 60 21.60 6.64 3.47
C PHE B 60 21.04 6.58 4.87
N PRO B 61 21.85 6.83 5.91
CA PRO B 61 21.32 6.80 7.28
C PRO B 61 20.12 7.73 7.45
N TYR B 62 19.12 7.24 8.17
CA TYR B 62 17.81 7.88 8.17
C TYR B 62 17.85 9.27 8.78
N ASP B 63 18.47 9.42 9.95
CA ASP B 63 18.37 10.68 10.70
C ASP B 63 18.94 11.85 9.91
N LYS B 64 20.15 11.69 9.35
CA LYS B 64 20.79 12.80 8.66
C LYS B 64 20.15 13.12 7.32
N SER B 65 19.36 12.20 6.73
CA SER B 65 18.83 12.38 5.39
C SER B 65 17.33 12.57 5.33
N LYS B 66 16.62 12.53 6.48
CA LYS B 66 15.16 12.53 6.42
C LYS B 66 14.60 13.88 5.98
N ASP B 67 15.28 14.98 6.29
CA ASP B 67 14.79 16.28 5.86
C ASP B 67 14.81 16.40 4.34
N LYS B 68 15.82 15.82 3.70
CA LYS B 68 15.92 15.90 2.25
C LYS B 68 15.03 14.87 1.57
N TYR B 69 15.04 13.62 2.06
CA TYR B 69 14.40 12.51 1.36
C TYR B 69 13.03 12.14 1.92
N GLY B 70 12.66 12.65 3.10
CA GLY B 70 11.39 12.28 3.70
C GLY B 70 10.21 13.12 3.26
N LYS B 71 10.28 13.68 2.06
CA LYS B 71 9.21 14.51 1.53
C LYS B 71 8.26 13.67 0.70
N PRO B 72 6.96 13.95 0.74
CA PRO B 72 6.00 13.13 0.00
C PRO B 72 6.21 13.23 -1.52
N ASN B 73 5.84 12.16 -2.22
CA ASN B 73 5.80 12.17 -3.68
C ASN B 73 4.71 11.20 -4.13
N LYS B 74 4.53 11.10 -5.45
CA LYS B 74 3.42 10.35 -6.05
C LYS B 74 3.79 8.94 -6.46
N ARG B 75 4.98 8.45 -6.11
CA ARG B 75 5.37 7.12 -6.51
C ARG B 75 4.58 6.08 -5.71
N LYS B 76 4.37 4.92 -6.34
CA LYS B 76 3.48 3.90 -5.78
C LYS B 76 3.94 3.45 -4.40
N GLY B 77 3.08 3.66 -3.40
CA GLY B 77 3.35 3.21 -2.05
C GLY B 77 4.29 4.09 -1.25
N PHE B 78 4.85 5.15 -1.84
CA PHE B 78 5.89 5.93 -1.17
C PHE B 78 5.34 6.65 0.06
N ASN B 79 4.24 7.39 -0.11
CA ASN B 79 3.70 8.13 1.03
C ASN B 79 3.22 7.18 2.12
N GLU B 80 2.72 6.01 1.73
CA GLU B 80 2.40 4.98 2.72
C GLU B 80 3.66 4.56 3.48
N GLY B 81 4.79 4.47 2.79
CA GLY B 81 6.04 4.10 3.46
C GLY B 81 6.53 5.19 4.40
N LEU B 82 6.41 6.45 4.00
CA LEU B 82 6.74 7.56 4.88
C LEU B 82 5.96 7.48 6.18
N TRP B 83 4.66 7.22 6.07
CA TRP B 83 3.83 7.09 7.26
C TRP B 83 4.32 5.96 8.16
N GLU B 84 4.72 4.83 7.55
CA GLU B 84 5.10 3.65 8.33
C GLU B 84 6.44 3.84 9.01
N ILE B 85 7.42 4.46 8.34
CA ILE B 85 8.70 4.66 8.99
C ILE B 85 8.57 5.64 10.14
N GLN B 86 7.60 6.55 10.07
CA GLN B 86 7.40 7.53 11.15
C GLN B 86 6.59 6.94 12.30
N ASN B 87 5.68 6.02 12.02
CA ASN B 87 4.74 5.53 13.02
C ASN B 87 4.98 4.10 13.46
N ASN B 88 5.33 3.19 12.55
CA ASN B 88 5.56 1.80 12.93
C ASN B 88 6.85 1.25 12.33
N PRO B 89 8.00 1.88 12.55
CA PRO B 89 9.21 1.44 11.85
C PRO B 89 9.70 0.06 12.25
N HIS B 90 9.39 -0.43 13.46
CA HIS B 90 9.88 -1.72 13.91
C HIS B 90 8.76 -2.73 14.10
N ALA B 91 7.62 -2.51 13.45
CA ALA B 91 6.55 -3.47 13.44
C ALA B 91 6.95 -4.73 12.68
N SER B 92 6.29 -5.83 13.01
CA SER B 92 6.34 -7.02 12.19
C SER B 92 5.34 -6.88 11.05
N TYR B 93 5.82 -7.07 9.82
CA TYR B 93 4.96 -6.95 8.65
C TYR B 93 4.66 -8.29 8.00
N SER B 94 5.11 -9.39 8.59
CA SER B 94 4.86 -10.72 8.07
C SER B 94 3.46 -11.20 8.43
#